data_2P0C
#
_entry.id   2P0C
#
_cell.length_a   52.470
_cell.length_b   90.057
_cell.length_c   69.253
_cell.angle_alpha   90.00
_cell.angle_beta   102.44
_cell.angle_gamma   90.00
#
_symmetry.space_group_name_H-M   'P 1 21 1'
#
loop_
_entity.id
_entity.type
_entity.pdbx_description
1 polymer 'Proto-oncogene tyrosine-protein kinase MER'
2 non-polymer 'MAGNESIUM ION'
3 non-polymer 'PHOSPHOAMINOPHOSPHONIC ACID-ADENYLATE ESTER'
4 non-polymer BETA-MERCAPTOETHANOL
5 water water
#
_entity_poly.entity_id   1
_entity_poly.type   'polypeptide(L)'
_entity_poly.pdbx_seq_one_letter_code
;MGSSHHHHHHSSGLVPRGSEELQNKLEDVVIDRNLLILGKILGEGEFGSVMEGNLKQEDGTSLKVAVKTMKLDNSSQREI
EEFLSEAACMKDFSHPNVIRLLGVCIEMSSQGIPKPMVILPFMKYGDLHTYLLYSRLETGPKHIPLQTLLKFMVDIALGM
EYLSNRNFLHRDLAARNCMLRDDMTVCVADFGLSKKIYSGDYYRQGRIAKMPVKWIAIESLADRVYTSKSDVWAFGVTMW
EIATRGMTPYPGVQNHEMYDYLLHGHRLKQPEDCLDELYEIMYSCWRTDPLDRPTFSVLRLQLEKLLESLPDV
;
_entity_poly.pdbx_strand_id   A,B
#
loop_
_chem_comp.id
_chem_comp.type
_chem_comp.name
_chem_comp.formula
ANP non-polymer 'PHOSPHOAMINOPHOSPHONIC ACID-ADENYLATE ESTER' 'C10 H17 N6 O12 P3'
BME non-polymer BETA-MERCAPTOETHANOL 'C2 H6 O S'
MG non-polymer 'MAGNESIUM ION' 'Mg 2'
#
# COMPACT_ATOMS: atom_id res chain seq x y z
N ASN A 24 5.62 -0.66 -44.89
CA ASN A 24 5.18 0.74 -45.15
C ASN A 24 3.69 0.95 -44.86
N LYS A 25 2.89 -0.08 -45.16
CA LYS A 25 1.43 -0.03 -45.00
C LYS A 25 1.01 0.14 -43.55
N LEU A 26 1.91 -0.21 -42.62
CA LEU A 26 1.71 0.05 -41.20
C LEU A 26 1.87 1.54 -40.87
N GLU A 27 1.54 2.39 -41.84
CA GLU A 27 1.53 3.85 -41.66
C GLU A 27 0.19 4.33 -41.12
N ASP A 28 -0.82 3.45 -41.21
CA ASP A 28 -2.16 3.74 -40.70
C ASP A 28 -2.14 4.11 -39.23
N VAL A 29 -1.33 3.37 -38.46
CA VAL A 29 -1.20 3.55 -37.01
C VAL A 29 -0.55 4.89 -36.63
N VAL A 30 0.23 5.46 -37.55
CA VAL A 30 0.89 6.72 -37.28
C VAL A 30 -0.09 7.90 -37.31
N ILE A 31 -0.04 8.71 -36.25
CA ILE A 31 -0.85 9.92 -36.15
C ILE A 31 0.08 11.12 -36.38
N ASP A 32 -0.45 12.15 -37.03
CA ASP A 32 0.31 13.38 -37.26
C ASP A 32 0.49 14.17 -35.97
N ARG A 33 1.74 14.59 -35.71
CA ARG A 33 2.09 15.30 -34.48
C ARG A 33 1.29 16.60 -34.25
N ASN A 34 0.93 17.29 -35.33
CA ASN A 34 0.16 18.54 -35.23
C ASN A 34 -1.33 18.36 -34.92
N LEU A 35 -1.78 17.12 -34.88
CA LEU A 35 -3.16 16.80 -34.48
C LEU A 35 -3.22 16.57 -32.98
N LEU A 36 -2.05 16.56 -32.36
CA LEU A 36 -1.93 16.30 -30.93
C LEU A 36 -1.50 17.54 -30.16
N ILE A 37 -2.24 17.82 -29.08
CA ILE A 37 -1.89 18.88 -28.17
C ILE A 37 -1.63 18.22 -26.81
N LEU A 38 -0.46 18.47 -26.25
CA LEU A 38 -0.07 17.86 -24.97
C LEU A 38 -0.23 18.84 -23.82
N GLY A 39 -0.71 18.33 -22.69
CA GLY A 39 -0.89 19.16 -21.50
C GLY A 39 -0.18 18.61 -20.27
N LYS A 40 -0.93 18.50 -19.18
CA LYS A 40 -0.37 18.16 -17.87
C LYS A 40 0.08 16.69 -17.77
N ILE A 41 1.03 16.43 -16.87
CA ILE A 41 1.45 15.08 -16.53
C ILE A 41 0.34 14.38 -15.74
N LEU A 42 0.07 13.12 -16.09
CA LEU A 42 -0.88 12.31 -15.31
C LEU A 42 -0.15 11.45 -14.28
N GLY A 43 1.04 10.98 -14.65
CA GLY A 43 1.84 10.12 -13.79
C GLY A 43 3.24 9.93 -14.35
N GLU A 44 4.14 9.40 -13.53
CA GLU A 44 5.56 9.32 -13.90
C GLU A 44 6.10 7.90 -13.83
N PHE A 47 8.79 2.86 -20.12
CA PHE A 47 9.06 3.84 -19.07
C PHE A 47 9.13 5.26 -19.63
N GLY A 48 8.49 6.18 -18.91
CA GLY A 48 8.46 7.58 -19.29
C GLY A 48 7.28 8.31 -18.70
N SER A 49 6.83 9.35 -19.41
CA SER A 49 5.77 10.21 -18.94
C SER A 49 4.45 9.81 -19.59
N VAL A 50 3.39 9.98 -18.82
CA VAL A 50 2.04 9.87 -19.36
C VAL A 50 1.32 11.20 -19.13
N MET A 51 0.79 11.75 -20.23
CA MET A 51 0.20 13.06 -20.22
C MET A 51 -1.25 13.06 -20.71
N GLU A 52 -2.01 14.05 -20.26
CA GLU A 52 -3.31 14.36 -20.85
C GLU A 52 -3.11 15.15 -22.13
N GLY A 53 -4.02 14.96 -23.08
CA GLY A 53 -3.97 15.68 -24.35
C GLY A 53 -5.29 15.72 -25.08
N ASN A 54 -5.32 16.48 -26.18
CA ASN A 54 -6.42 16.52 -27.10
C ASN A 54 -5.94 15.98 -28.44
N LEU A 55 -6.66 15.00 -28.99
CA LEU A 55 -6.42 14.54 -30.37
C LEU A 55 -7.53 15.04 -31.31
N LYS A 56 -7.13 15.74 -32.36
CA LYS A 56 -8.08 16.18 -33.38
C LYS A 56 -8.44 14.98 -34.24
N GLN A 57 -9.74 14.76 -34.44
CA GLN A 57 -10.19 13.58 -35.16
C GLN A 57 -10.66 13.91 -36.58
N GLU A 58 -10.71 12.87 -37.41
CA GLU A 58 -11.17 12.95 -38.80
C GLU A 58 -12.56 13.60 -38.87
N ASP A 59 -13.29 13.45 -37.77
CA ASP A 59 -14.62 14.01 -37.54
C ASP A 59 -14.66 15.54 -37.52
N GLY A 60 -13.51 16.17 -37.24
CA GLY A 60 -13.45 17.59 -36.95
C GLY A 60 -13.41 17.86 -35.45
N THR A 61 -13.93 16.92 -34.67
CA THR A 61 -13.98 17.04 -33.22
C THR A 61 -12.68 16.63 -32.54
N SER A 62 -12.48 17.12 -31.33
CA SER A 62 -11.32 16.77 -30.55
C SER A 62 -11.70 15.82 -29.43
N LEU A 63 -10.85 14.83 -29.22
CA LEU A 63 -11.04 13.82 -28.19
C LEU A 63 -9.99 13.98 -27.08
N LYS A 64 -10.43 13.86 -25.83
CA LYS A 64 -9.50 13.74 -24.71
C LYS A 64 -8.74 12.41 -24.77
N VAL A 65 -7.42 12.52 -24.80
CA VAL A 65 -6.56 11.34 -24.80
C VAL A 65 -5.55 11.29 -23.65
N ALA A 66 -5.01 10.09 -23.42
CA ALA A 66 -3.83 9.91 -22.58
C ALA A 66 -2.69 9.48 -23.48
N VAL A 67 -1.50 10.00 -23.19
CA VAL A 67 -0.34 9.87 -24.06
C VAL A 67 0.82 9.30 -23.25
N LYS A 68 1.19 8.05 -23.53
CA LYS A 68 2.34 7.42 -22.90
C LYS A 68 3.54 7.53 -23.82
N THR A 69 4.62 8.12 -23.33
CA THR A 69 5.87 8.21 -24.08
C THR A 69 6.79 7.02 -23.74
N MET A 70 7.64 6.65 -24.70
CA MET A 70 8.61 5.56 -24.51
C MET A 70 9.70 5.54 -25.58
N GLU A 82 10.63 -1.95 -32.69
CA GLU A 82 10.39 -1.63 -34.10
C GLU A 82 9.81 -0.22 -34.33
N PHE A 83 8.63 0.12 -33.77
CA PHE A 83 7.76 -0.76 -32.97
C PHE A 83 6.29 -0.60 -33.41
N LEU A 84 6.10 -0.16 -34.65
CA LEU A 84 4.78 0.19 -35.17
C LEU A 84 3.84 -1.00 -35.43
N SER A 85 4.43 -2.14 -35.82
CA SER A 85 3.67 -3.36 -36.12
C SER A 85 2.82 -3.85 -34.96
N GLU A 86 3.38 -3.86 -33.76
CA GLU A 86 2.63 -4.26 -32.56
C GLU A 86 1.52 -3.25 -32.28
N ALA A 87 1.83 -1.97 -32.45
CA ALA A 87 0.87 -0.91 -32.26
C ALA A 87 -0.26 -0.99 -33.28
N ALA A 88 0.08 -1.35 -34.52
CA ALA A 88 -0.92 -1.54 -35.58
C ALA A 88 -1.81 -2.74 -35.25
N CYS A 89 -1.19 -3.79 -34.72
CA CYS A 89 -1.90 -4.96 -34.24
C CYS A 89 -2.87 -4.59 -33.11
N MET A 90 -2.37 -3.88 -32.11
CA MET A 90 -3.18 -3.39 -30.99
C MET A 90 -4.29 -2.42 -31.42
N LYS A 91 -4.02 -1.65 -32.47
CA LYS A 91 -5.01 -0.71 -33.01
C LYS A 91 -6.28 -1.44 -33.49
N ASP A 92 -6.10 -2.68 -33.95
CA ASP A 92 -7.18 -3.48 -34.49
C ASP A 92 -8.05 -4.20 -33.44
N PHE A 93 -7.62 -4.20 -32.18
CA PHE A 93 -8.39 -4.76 -31.08
C PHE A 93 -9.67 -3.97 -30.87
N SER A 94 -10.80 -4.67 -30.75
CA SER A 94 -12.08 -3.98 -30.66
C SER A 94 -13.07 -4.69 -29.76
N HIS A 95 -13.03 -4.35 -28.47
CA HIS A 95 -13.81 -5.03 -27.44
C HIS A 95 -14.11 -4.05 -26.29
N PRO A 96 -15.35 -4.07 -25.75
CA PRO A 96 -15.72 -3.12 -24.69
C PRO A 96 -14.82 -3.19 -23.45
N ASN A 97 -14.23 -4.36 -23.21
CA ASN A 97 -13.39 -4.58 -22.05
C ASN A 97 -11.88 -4.52 -22.33
N VAL A 98 -11.52 -3.97 -23.49
CA VAL A 98 -10.12 -3.79 -23.87
C VAL A 98 -9.95 -2.37 -24.36
N ILE A 99 -8.99 -1.64 -23.79
CA ILE A 99 -8.74 -0.25 -24.21
C ILE A 99 -8.36 -0.23 -25.68
N ARG A 100 -8.91 0.73 -26.43
CA ARG A 100 -8.58 0.86 -27.84
C ARG A 100 -7.37 1.77 -28.00
N LEU A 101 -6.37 1.31 -28.74
CA LEU A 101 -5.24 2.16 -29.11
C LEU A 101 -5.64 3.03 -30.31
N LEU A 102 -5.39 4.33 -30.20
CA LEU A 102 -5.81 5.24 -31.26
C LEU A 102 -4.77 5.40 -32.36
N GLY A 103 -3.51 5.30 -31.96
CA GLY A 103 -2.40 5.43 -32.89
C GLY A 103 -1.16 5.82 -32.14
N VAL A 104 -0.10 6.11 -32.89
CA VAL A 104 1.17 6.55 -32.32
C VAL A 104 1.68 7.80 -33.02
N CYS A 105 2.36 8.67 -32.27
CA CYS A 105 3.14 9.76 -32.84
C CYS A 105 4.63 9.52 -32.61
N ILE A 106 5.45 9.91 -33.60
CA ILE A 106 6.90 9.86 -33.44
C ILE A 106 7.52 11.23 -33.68
N PRO A 114 13.22 11.03 -33.47
CA PRO A 114 12.30 9.89 -33.39
C PRO A 114 11.84 9.60 -31.96
N LYS A 115 10.77 10.28 -31.53
CA LYS A 115 10.25 10.12 -30.16
C LYS A 115 8.84 9.53 -30.14
N PRO A 116 8.73 8.23 -29.79
CA PRO A 116 7.44 7.53 -29.86
C PRO A 116 6.48 7.82 -28.70
N MET A 117 5.22 8.06 -29.04
CA MET A 117 4.16 8.32 -28.07
C MET A 117 2.92 7.52 -28.46
N VAL A 118 2.28 6.84 -27.50
CA VAL A 118 1.07 6.06 -27.82
C VAL A 118 -0.21 6.76 -27.36
N ILE A 119 -1.18 6.82 -28.26
CA ILE A 119 -2.39 7.59 -28.03
C ILE A 119 -3.51 6.64 -27.58
N LEU A 120 -4.04 6.90 -26.40
CA LEU A 120 -5.11 6.09 -25.82
C LEU A 120 -6.22 7.04 -25.41
N PRO A 121 -7.48 6.56 -25.39
CA PRO A 121 -8.54 7.42 -24.94
C PRO A 121 -8.33 7.76 -23.47
N PHE A 122 -8.59 9.00 -23.10
CA PHE A 122 -8.58 9.40 -21.70
C PHE A 122 -9.80 8.82 -20.99
N MET A 123 -9.60 8.25 -19.81
CA MET A 123 -10.67 7.68 -18.96
C MET A 123 -10.81 8.55 -17.73
N LYS A 124 -11.80 9.44 -17.75
CA LYS A 124 -11.97 10.42 -16.67
C LYS A 124 -12.15 9.78 -15.29
N TYR A 125 -12.67 8.55 -15.23
CA TYR A 125 -12.85 7.86 -13.95
C TYR A 125 -11.60 7.15 -13.44
N GLY A 126 -10.55 7.13 -14.26
CA GLY A 126 -9.24 6.64 -13.83
C GLY A 126 -9.16 5.13 -13.67
N ASP A 127 -8.10 4.69 -12.98
CA ASP A 127 -7.84 3.25 -12.80
C ASP A 127 -8.73 2.64 -11.70
N LEU A 128 -8.90 1.31 -11.77
CA LEU A 128 -9.75 0.57 -10.82
C LEU A 128 -9.20 0.52 -9.39
N HIS A 129 -7.88 0.40 -9.27
CA HIS A 129 -7.22 0.35 -7.98
C HIS A 129 -7.56 1.58 -7.11
N THR A 130 -7.33 2.77 -7.66
CA THR A 130 -7.66 4.02 -6.96
C THR A 130 -9.14 4.11 -6.60
N TYR A 131 -10.01 3.75 -7.54
CA TYR A 131 -11.46 3.66 -7.29
C TYR A 131 -11.82 2.80 -6.08
N LEU A 132 -11.27 1.58 -6.02
CA LEU A 132 -11.47 0.67 -4.87
C LEU A 132 -11.11 1.33 -3.54
N LEU A 133 -9.95 1.99 -3.48
CA LEU A 133 -9.44 2.62 -2.27
C LEU A 133 -10.25 3.86 -1.88
N TYR A 134 -10.63 4.68 -2.87
CA TYR A 134 -11.47 5.85 -2.64
C TYR A 134 -12.82 5.43 -2.05
N SER A 135 -13.27 4.24 -2.42
CA SER A 135 -14.60 3.75 -2.05
C SER A 135 -14.68 3.41 -0.57
N ARG A 136 -13.52 3.35 0.08
CA ARG A 136 -13.42 3.15 1.52
C ARG A 136 -13.35 4.50 2.24
N LEU A 137 -13.48 5.59 1.49
CA LEU A 137 -13.42 6.93 2.05
C LEU A 137 -14.67 7.72 1.68
N GLU A 138 -15.06 8.64 2.57
CA GLU A 138 -16.13 9.59 2.30
C GLU A 138 -15.66 10.58 1.22
N THR A 139 -16.61 11.08 0.43
CA THR A 139 -16.38 11.89 -0.78
C THR A 139 -15.96 11.04 -1.99
N GLY A 140 -15.68 9.77 -1.75
CA GLY A 140 -15.39 8.83 -2.82
C GLY A 140 -16.67 8.19 -3.31
N PRO A 141 -16.55 7.17 -4.19
CA PRO A 141 -17.70 6.33 -4.50
C PRO A 141 -18.23 5.68 -3.23
N LYS A 142 -19.49 5.26 -3.24
CA LYS A 142 -20.11 4.61 -2.09
C LYS A 142 -19.51 3.22 -1.89
N HIS A 143 -19.91 2.53 -0.83
CA HIS A 143 -19.46 1.17 -0.58
C HIS A 143 -19.89 0.23 -1.71
N ILE A 144 -18.91 -0.28 -2.45
CA ILE A 144 -19.13 -1.19 -3.57
C ILE A 144 -19.61 -2.54 -3.02
N PRO A 145 -20.87 -2.93 -3.33
CA PRO A 145 -21.39 -4.23 -2.93
C PRO A 145 -20.72 -5.35 -3.70
N LEU A 146 -20.75 -6.56 -3.15
CA LEU A 146 -20.14 -7.75 -3.77
C LEU A 146 -20.45 -7.90 -5.27
N GLN A 147 -21.68 -7.54 -5.65
CA GLN A 147 -22.16 -7.76 -7.01
C GLN A 147 -21.40 -6.90 -8.03
N THR A 148 -21.16 -5.64 -7.67
CA THR A 148 -20.37 -4.74 -8.49
C THR A 148 -18.91 -5.20 -8.58
N LEU A 149 -18.39 -5.73 -7.45
CA LEU A 149 -17.02 -6.24 -7.39
C LEU A 149 -16.82 -7.42 -8.32
N LEU A 150 -17.82 -8.31 -8.35
CA LEU A 150 -17.79 -9.47 -9.23
C LEU A 150 -17.98 -9.09 -10.68
N LYS A 151 -18.79 -8.05 -10.92
CA LYS A 151 -18.95 -7.48 -12.26
C LYS A 151 -17.64 -6.86 -12.80
N PHE A 152 -16.86 -6.21 -11.93
CA PHE A 152 -15.53 -5.73 -12.32
C PHE A 152 -14.64 -6.90 -12.78
N MET A 153 -14.75 -8.04 -12.12
CA MET A 153 -13.90 -9.20 -12.40
C MET A 153 -14.32 -9.81 -13.72
N VAL A 154 -15.62 -9.79 -13.99
CA VAL A 154 -16.15 -10.30 -15.24
C VAL A 154 -15.66 -9.47 -16.44
N ASP A 155 -15.79 -8.14 -16.33
CA ASP A 155 -15.26 -7.21 -17.33
C ASP A 155 -13.82 -7.52 -17.68
N ILE A 156 -12.93 -7.62 -16.67
CA ILE A 156 -11.51 -7.91 -16.91
C ILE A 156 -11.28 -9.29 -17.55
N ALA A 157 -12.05 -10.28 -17.10
CA ALA A 157 -11.95 -11.65 -17.62
C ALA A 157 -12.42 -11.77 -19.08
N LEU A 158 -13.46 -11.02 -19.41
CA LEU A 158 -13.92 -10.90 -20.79
C LEU A 158 -12.80 -10.24 -21.61
N GLY A 159 -12.29 -9.13 -21.09
CA GLY A 159 -11.17 -8.40 -21.71
C GLY A 159 -9.96 -9.28 -21.97
N MET A 160 -9.66 -10.17 -21.02
CA MET A 160 -8.49 -11.04 -21.17
C MET A 160 -8.77 -12.23 -22.09
N GLU A 161 -10.02 -12.74 -22.06
CA GLU A 161 -10.49 -13.80 -22.96
C GLU A 161 -10.27 -13.39 -24.42
N TYR A 162 -10.69 -12.16 -24.73
CA TYR A 162 -10.46 -11.53 -26.04
C TYR A 162 -8.99 -11.53 -26.46
N LEU A 163 -8.13 -11.02 -25.58
CA LEU A 163 -6.69 -10.95 -25.86
C LEU A 163 -6.07 -12.35 -25.99
N SER A 164 -6.50 -13.26 -25.13
CA SER A 164 -6.00 -14.64 -25.13
C SER A 164 -6.35 -15.37 -26.42
N ASN A 165 -7.54 -15.12 -26.94
CA ASN A 165 -8.01 -15.67 -28.23
C ASN A 165 -7.19 -15.18 -29.42
N ARG A 166 -6.56 -14.02 -29.26
N ARG A 166 -6.56 -14.02 -29.26
CA ARG A 166 -5.68 -13.46 -30.29
CA ARG A 166 -5.69 -13.43 -30.28
C ARG A 166 -4.22 -13.65 -29.93
C ARG A 166 -4.21 -13.70 -29.96
N ASN A 167 -3.98 -14.54 -28.95
CA ASN A 167 -2.62 -14.89 -28.48
C ASN A 167 -1.76 -13.70 -28.09
N PHE A 168 -2.41 -12.64 -27.63
CA PHE A 168 -1.72 -11.45 -27.23
C PHE A 168 -1.54 -11.50 -25.72
N LEU A 169 -0.28 -11.61 -25.28
CA LEU A 169 0.04 -11.58 -23.85
C LEU A 169 -0.08 -10.15 -23.32
N HIS A 170 -0.67 -10.02 -22.12
CA HIS A 170 -0.83 -8.72 -21.47
C HIS A 170 0.48 -8.31 -20.79
N ARG A 171 0.98 -9.17 -19.91
CA ARG A 171 2.29 -9.01 -19.24
C ARG A 171 2.36 -7.97 -18.13
N ASP A 172 1.27 -7.24 -17.89
CA ASP A 172 1.26 -6.23 -16.82
C ASP A 172 -0.13 -6.03 -16.23
N LEU A 173 -0.83 -7.12 -15.94
CA LEU A 173 -2.19 -7.05 -15.43
C LEU A 173 -2.19 -6.81 -13.92
N ALA A 174 -2.81 -5.72 -13.51
CA ALA A 174 -3.05 -5.39 -12.11
C ALA A 174 -4.22 -4.42 -12.06
N ALA A 175 -4.83 -4.27 -10.88
CA ALA A 175 -5.97 -3.36 -10.72
C ALA A 175 -5.64 -1.96 -11.25
N ARG A 176 -4.38 -1.56 -11.13
CA ARG A 176 -3.93 -0.21 -11.56
C ARG A 176 -3.92 -0.02 -13.07
N ASN A 177 -3.81 -1.12 -13.79
CA ASN A 177 -3.80 -1.14 -15.26
C ASN A 177 -5.17 -1.57 -15.84
N CYS A 178 -6.19 -1.48 -15.01
CA CYS A 178 -7.57 -1.70 -15.41
C CYS A 178 -8.27 -0.35 -15.29
N MET A 179 -8.93 0.09 -16.35
CA MET A 179 -9.47 1.45 -16.42
C MET A 179 -11.00 1.45 -16.41
N LEU A 180 -11.57 2.49 -15.84
CA LEU A 180 -13.02 2.62 -15.80
C LEU A 180 -13.54 3.53 -16.92
N ARG A 181 -14.47 2.99 -17.70
CA ARG A 181 -15.10 3.75 -18.77
C ARG A 181 -16.12 4.69 -18.14
N ASP A 182 -16.68 5.59 -18.94
CA ASP A 182 -17.61 6.60 -18.44
C ASP A 182 -18.92 5.95 -17.97
N ASP A 183 -19.20 4.74 -18.46
CA ASP A 183 -20.36 3.98 -18.01
C ASP A 183 -20.01 3.00 -16.88
N MET A 184 -18.77 3.06 -16.42
CA MET A 184 -18.30 2.26 -15.29
C MET A 184 -18.10 0.77 -15.60
N THR A 185 -18.07 0.42 -16.88
CA THR A 185 -17.51 -0.87 -17.26
C THR A 185 -15.97 -0.79 -17.14
N VAL A 186 -15.34 -1.92 -16.82
CA VAL A 186 -13.88 -1.96 -16.73
C VAL A 186 -13.29 -2.45 -18.04
N CYS A 187 -12.16 -1.85 -18.40
CA CYS A 187 -11.36 -2.32 -19.51
C CYS A 187 -9.91 -2.51 -19.13
N VAL A 188 -9.34 -3.55 -19.71
CA VAL A 188 -7.94 -3.89 -19.55
C VAL A 188 -7.08 -2.90 -20.34
N ALA A 189 -6.00 -2.43 -19.72
CA ALA A 189 -5.13 -1.48 -20.37
C ALA A 189 -3.66 -1.84 -20.14
N ASP A 190 -2.75 -1.06 -20.71
CA ASP A 190 -1.31 -1.14 -20.46
C ASP A 190 -0.67 -2.49 -20.83
N PHE A 191 -1.32 -3.21 -21.73
CA PHE A 191 -0.78 -4.42 -22.30
C PHE A 191 0.19 -4.06 -23.44
N GLY A 192 0.95 -5.05 -23.89
CA GLY A 192 1.72 -4.92 -25.14
C GLY A 192 3.09 -4.27 -25.08
N LEU A 193 3.19 -3.12 -24.40
CA LEU A 193 4.42 -2.29 -24.43
C LEU A 193 4.90 -2.03 -25.86
N PRO A 212 6.95 -5.42 -11.00
CA PRO A 212 5.70 -5.74 -10.30
C PRO A 212 5.75 -7.17 -9.75
N VAL A 213 6.82 -7.46 -9.02
CA VAL A 213 7.09 -8.77 -8.41
C VAL A 213 5.85 -9.53 -7.94
N LYS A 214 4.95 -8.84 -7.25
CA LYS A 214 3.84 -9.50 -6.54
C LYS A 214 2.63 -9.90 -7.40
N TRP A 215 2.67 -9.55 -8.68
CA TRP A 215 1.71 -10.02 -9.69
C TRP A 215 2.35 -11.06 -10.63
N ILE A 216 3.56 -11.50 -10.33
CA ILE A 216 4.30 -12.32 -11.30
C ILE A 216 4.29 -13.80 -10.90
N ALA A 217 3.86 -14.65 -11.82
CA ALA A 217 3.77 -16.10 -11.58
C ALA A 217 5.10 -16.71 -11.14
N ILE A 218 5.06 -17.82 -10.40
CA ILE A 218 6.29 -18.47 -9.89
C ILE A 218 7.21 -18.82 -11.04
N GLU A 219 6.68 -19.50 -12.05
CA GLU A 219 7.52 -20.00 -13.16
C GLU A 219 8.22 -18.84 -13.88
N SER A 220 7.60 -17.65 -13.85
CA SER A 220 8.15 -16.44 -14.45
C SER A 220 9.18 -15.73 -13.57
N LEU A 221 9.06 -15.90 -12.25
CA LEU A 221 10.10 -15.46 -11.32
C LEU A 221 11.30 -16.40 -11.42
N ALA A 222 11.01 -17.70 -11.51
CA ALA A 222 12.02 -18.75 -11.57
C ALA A 222 12.87 -18.68 -12.85
N ASP A 223 12.21 -18.55 -14.01
CA ASP A 223 12.90 -18.44 -15.30
C ASP A 223 12.41 -17.24 -16.10
N ARG A 224 12.82 -17.15 -17.36
CA ARG A 224 12.43 -16.05 -18.25
C ARG A 224 11.00 -16.19 -18.78
N VAL A 225 10.46 -17.41 -18.66
CA VAL A 225 9.17 -17.83 -19.21
C VAL A 225 7.98 -16.90 -18.88
N TYR A 226 7.21 -16.56 -19.91
CA TYR A 226 5.92 -15.88 -19.73
C TYR A 226 4.86 -16.30 -20.76
N THR A 227 3.80 -16.97 -20.29
CA THR A 227 2.70 -17.42 -21.15
C THR A 227 1.38 -16.76 -20.76
N SER A 228 0.29 -17.19 -21.40
CA SER A 228 -1.05 -16.74 -21.01
C SER A 228 -1.41 -17.22 -19.60
N LYS A 229 -0.78 -18.29 -19.15
CA LYS A 229 -1.04 -18.84 -17.81
C LYS A 229 -0.44 -17.97 -16.71
N SER A 230 0.55 -17.16 -17.09
CA SER A 230 1.14 -16.16 -16.20
C SER A 230 0.21 -14.96 -16.08
N ASP A 231 -0.41 -14.58 -17.20
CA ASP A 231 -1.49 -13.60 -17.18
C ASP A 231 -2.61 -14.07 -16.26
N VAL A 232 -2.93 -15.36 -16.33
CA VAL A 232 -3.96 -15.96 -15.48
C VAL A 232 -3.61 -15.81 -13.99
N TRP A 233 -2.35 -16.08 -13.65
CA TRP A 233 -1.83 -15.84 -12.30
C TRP A 233 -2.10 -14.40 -11.86
N ALA A 234 -1.74 -13.45 -12.75
CA ALA A 234 -1.91 -12.02 -12.49
C ALA A 234 -3.36 -11.59 -12.35
N PHE A 235 -4.25 -12.18 -13.16
CA PHE A 235 -5.69 -11.98 -13.02
C PHE A 235 -6.15 -12.40 -11.61
N GLY A 236 -5.64 -13.53 -11.13
CA GLY A 236 -5.96 -14.01 -9.78
C GLY A 236 -5.68 -12.97 -8.72
N VAL A 237 -4.50 -12.36 -8.80
CA VAL A 237 -4.03 -11.38 -7.84
C VAL A 237 -4.91 -10.15 -7.94
N THR A 238 -5.22 -9.77 -9.19
CA THR A 238 -6.15 -8.67 -9.48
C THR A 238 -7.53 -8.92 -8.83
N MET A 239 -8.03 -10.16 -8.91
CA MET A 239 -9.30 -10.51 -8.26
C MET A 239 -9.24 -10.27 -6.76
N TRP A 240 -8.05 -10.53 -6.19
CA TRP A 240 -7.80 -10.40 -4.77
C TRP A 240 -7.74 -8.90 -4.41
N GLU A 241 -7.13 -8.10 -5.29
CA GLU A 241 -7.07 -6.65 -5.16
C GLU A 241 -8.46 -6.04 -5.10
N ILE A 242 -9.33 -6.51 -5.99
CA ILE A 242 -10.74 -6.13 -6.02
C ILE A 242 -11.48 -6.62 -4.76
N ALA A 243 -11.35 -7.90 -4.44
CA ALA A 243 -12.04 -8.46 -3.26
C ALA A 243 -11.67 -7.73 -1.95
N THR A 244 -10.40 -7.34 -1.83
CA THR A 244 -9.91 -6.68 -0.62
C THR A 244 -10.08 -5.16 -0.70
N ARG A 245 -10.66 -4.67 -1.80
CA ARG A 245 -10.84 -3.25 -2.06
C ARG A 245 -9.53 -2.43 -2.04
N GLY A 246 -8.47 -2.99 -2.61
CA GLY A 246 -7.23 -2.26 -2.82
C GLY A 246 -5.98 -2.58 -2.01
N MET A 247 -6.02 -3.61 -1.17
CA MET A 247 -4.82 -4.02 -0.43
C MET A 247 -3.67 -4.39 -1.39
N THR A 248 -2.45 -4.07 -0.96
CA THR A 248 -1.25 -4.55 -1.62
C THR A 248 -1.11 -6.02 -1.29
N PRO A 249 -0.85 -6.85 -2.32
CA PRO A 249 -0.71 -8.28 -2.12
C PRO A 249 0.33 -8.67 -1.08
N TYR A 250 0.01 -9.74 -0.35
CA TYR A 250 0.92 -10.36 0.61
C TYR A 250 1.41 -9.34 1.63
N PRO A 251 0.52 -8.88 2.52
CA PRO A 251 1.02 -8.09 3.64
C PRO A 251 2.04 -8.89 4.48
N GLY A 252 3.12 -8.24 4.88
CA GLY A 252 4.15 -8.88 5.74
C GLY A 252 5.23 -9.62 4.98
N VAL A 253 5.06 -9.76 3.67
CA VAL A 253 6.04 -10.39 2.80
C VAL A 253 6.67 -9.31 1.94
N GLN A 254 8.00 -9.22 1.99
CA GLN A 254 8.72 -8.27 1.16
C GLN A 254 8.89 -8.82 -0.25
N ASN A 255 9.09 -7.91 -1.20
CA ASN A 255 9.23 -8.29 -2.62
C ASN A 255 10.35 -9.30 -2.89
N HIS A 256 11.47 -9.15 -2.19
CA HIS A 256 12.63 -10.03 -2.38
C HIS A 256 12.47 -11.43 -1.78
N GLU A 257 11.49 -11.60 -0.90
CA GLU A 257 11.23 -12.92 -0.32
C GLU A 257 10.07 -13.66 -0.99
N MET A 258 9.53 -13.05 -2.04
CA MET A 258 8.35 -13.57 -2.74
C MET A 258 8.52 -14.91 -3.47
N TYR A 259 9.63 -15.11 -4.16
CA TYR A 259 9.90 -16.41 -4.80
C TYR A 259 9.98 -17.58 -3.80
N ASP A 260 10.74 -17.40 -2.72
CA ASP A 260 10.87 -18.41 -1.68
C ASP A 260 9.54 -18.66 -0.98
N TYR A 261 8.79 -17.57 -0.74
CA TYR A 261 7.46 -17.64 -0.15
C TYR A 261 6.50 -18.50 -0.98
N LEU A 262 6.48 -18.27 -2.29
CA LEU A 262 5.63 -19.03 -3.20
C LEU A 262 6.14 -20.45 -3.40
N LEU A 263 7.47 -20.59 -3.42
CA LEU A 263 8.10 -21.91 -3.61
C LEU A 263 7.73 -22.85 -2.46
N HIS A 264 7.48 -22.27 -1.29
CA HIS A 264 7.07 -23.05 -0.12
C HIS A 264 5.58 -23.34 -0.11
N GLY A 265 4.88 -22.97 -1.19
CA GLY A 265 3.47 -23.30 -1.34
C GLY A 265 2.46 -22.31 -0.80
N HIS A 266 2.92 -21.17 -0.28
CA HIS A 266 2.02 -20.13 0.25
C HIS A 266 1.42 -19.30 -0.89
N ARG A 267 0.17 -18.87 -0.70
CA ARG A 267 -0.53 -18.02 -1.66
C ARG A 267 -1.29 -16.92 -0.90
N LEU A 268 -1.80 -15.94 -1.65
CA LEU A 268 -2.69 -14.93 -1.08
C LEU A 268 -3.79 -15.59 -0.26
N LYS A 269 -4.00 -15.05 0.94
CA LYS A 269 -4.98 -15.59 1.86
C LYS A 269 -6.34 -15.08 1.45
N GLN A 270 -7.37 -15.85 1.80
CA GLN A 270 -8.75 -15.50 1.53
C GLN A 270 -9.12 -14.23 2.29
N PRO A 271 -9.62 -13.21 1.59
CA PRO A 271 -10.14 -12.03 2.28
C PRO A 271 -11.27 -12.42 3.24
N GLU A 272 -11.49 -11.57 4.24
CA GLU A 272 -12.33 -11.91 5.38
C GLU A 272 -13.78 -12.32 5.03
N ASP A 273 -14.53 -11.46 4.35
CA ASP A 273 -15.95 -11.76 4.10
C ASP A 273 -16.22 -12.28 2.69
N CYS A 274 -15.19 -12.81 2.04
CA CYS A 274 -15.39 -13.32 0.69
C CYS A 274 -15.87 -14.75 0.67
N LEU A 275 -16.82 -15.03 -0.21
CA LEU A 275 -17.34 -16.38 -0.43
C LEU A 275 -16.21 -17.32 -0.79
N ASP A 276 -16.27 -18.54 -0.25
CA ASP A 276 -15.34 -19.61 -0.57
C ASP A 276 -15.35 -19.91 -2.06
N GLU A 277 -16.52 -19.80 -2.69
CA GLU A 277 -16.68 -19.98 -4.14
C GLU A 277 -15.78 -19.02 -4.93
N LEU A 278 -15.72 -17.76 -4.49
CA LEU A 278 -14.87 -16.77 -5.14
C LEU A 278 -13.38 -17.05 -4.90
N TYR A 279 -13.02 -17.41 -3.68
CA TYR A 279 -11.64 -17.71 -3.35
C TYR A 279 -11.14 -18.93 -4.13
N GLU A 280 -11.98 -19.96 -4.23
CA GLU A 280 -11.72 -21.13 -5.07
C GLU A 280 -11.27 -20.72 -6.49
N ILE A 281 -11.95 -19.72 -7.05
CA ILE A 281 -11.66 -19.23 -8.40
C ILE A 281 -10.30 -18.53 -8.47
N MET A 282 -10.08 -17.54 -7.59
CA MET A 282 -8.79 -16.87 -7.41
C MET A 282 -7.64 -17.86 -7.29
N TYR A 283 -7.81 -18.81 -6.37
CA TYR A 283 -6.79 -19.80 -6.01
C TYR A 283 -6.38 -20.64 -7.21
N SER A 284 -7.36 -21.09 -7.99
CA SER A 284 -7.07 -21.87 -9.21
C SER A 284 -6.10 -21.14 -10.13
N CYS A 285 -6.00 -19.83 -9.97
CA CYS A 285 -5.11 -19.00 -10.80
C CYS A 285 -3.63 -19.10 -10.41
N TRP A 286 -3.35 -19.64 -9.22
CA TRP A 286 -1.98 -19.68 -8.68
C TRP A 286 -1.40 -21.09 -8.55
N ARG A 287 -2.01 -22.07 -9.22
CA ARG A 287 -1.50 -23.43 -9.20
C ARG A 287 -0.07 -23.45 -9.73
N THR A 288 0.79 -24.25 -9.10
CA THR A 288 2.23 -24.28 -9.39
C THR A 288 2.51 -24.62 -10.85
N ASP A 289 1.91 -25.70 -11.34
CA ASP A 289 2.00 -26.04 -12.75
C ASP A 289 1.04 -25.13 -13.53
N PRO A 290 1.57 -24.30 -14.45
CA PRO A 290 0.76 -23.39 -15.29
C PRO A 290 -0.40 -24.11 -15.99
N LEU A 291 -0.18 -25.35 -16.42
CA LEU A 291 -1.20 -26.12 -17.13
C LEU A 291 -2.43 -26.43 -16.28
N ASP A 292 -2.28 -26.37 -14.96
CA ASP A 292 -3.37 -26.67 -14.04
C ASP A 292 -4.31 -25.48 -13.89
N ARG A 293 -3.79 -24.28 -14.16
CA ARG A 293 -4.57 -23.05 -14.17
C ARG A 293 -5.56 -23.06 -15.34
N PRO A 294 -6.78 -22.54 -15.10
CA PRO A 294 -7.80 -22.50 -16.15
C PRO A 294 -7.51 -21.43 -17.18
N THR A 295 -8.21 -21.48 -18.31
CA THR A 295 -8.17 -20.42 -19.29
C THR A 295 -9.05 -19.25 -18.80
N PHE A 296 -8.91 -18.09 -19.43
CA PHE A 296 -9.78 -16.95 -19.16
C PHE A 296 -11.22 -17.24 -19.55
N SER A 297 -11.43 -18.06 -20.57
CA SER A 297 -12.78 -18.44 -20.96
C SER A 297 -13.48 -19.25 -19.87
N VAL A 298 -12.71 -20.09 -19.16
CA VAL A 298 -13.24 -20.84 -18.01
C VAL A 298 -13.53 -19.89 -16.84
N LEU A 299 -12.53 -19.11 -16.46
CA LEU A 299 -12.67 -18.12 -15.38
C LEU A 299 -13.85 -17.19 -15.59
N ARG A 300 -13.95 -16.66 -16.81
CA ARG A 300 -15.01 -15.75 -17.20
C ARG A 300 -16.38 -16.37 -16.91
N LEU A 301 -16.58 -17.62 -17.32
CA LEU A 301 -17.88 -18.28 -17.11
C LEU A 301 -18.13 -18.59 -15.63
N GLN A 302 -17.07 -18.99 -14.91
CA GLN A 302 -17.16 -19.24 -13.46
C GLN A 302 -17.63 -18.00 -12.67
N LEU A 303 -17.14 -16.83 -13.06
CA LEU A 303 -17.48 -15.57 -12.39
C LEU A 303 -18.88 -15.08 -12.79
N GLU A 304 -19.27 -15.32 -14.04
CA GLU A 304 -20.63 -15.02 -14.50
C GLU A 304 -21.70 -15.83 -13.77
N LYS A 305 -21.46 -17.12 -13.63
CA LYS A 305 -22.39 -17.99 -12.93
C LYS A 305 -22.39 -17.71 -11.43
N LEU A 306 -21.24 -17.38 -10.86
CA LEU A 306 -21.22 -16.95 -9.46
C LEU A 306 -22.06 -15.69 -9.25
N LEU A 307 -21.81 -14.67 -10.06
CA LEU A 307 -22.57 -13.40 -9.99
C LEU A 307 -24.08 -13.64 -10.20
N GLU A 308 -24.39 -14.54 -11.12
CA GLU A 308 -25.78 -14.91 -11.43
C GLU A 308 -26.49 -15.52 -10.23
N SER A 309 -25.76 -16.30 -9.44
CA SER A 309 -26.32 -17.00 -8.28
C SER A 309 -26.56 -16.10 -7.05
N LEU A 310 -26.11 -14.85 -7.13
CA LEU A 310 -26.25 -13.91 -6.00
C LEU A 310 -27.61 -13.21 -5.96
N ASN B 24 31.95 7.96 30.87
CA ASN B 24 32.31 7.07 32.01
C ASN B 24 31.07 6.57 32.75
N LYS B 25 30.28 7.51 33.26
CA LYS B 25 29.02 7.19 33.94
C LYS B 25 27.96 6.80 32.91
N LEU B 26 28.02 7.43 31.74
CA LEU B 26 27.14 7.09 30.63
C LEU B 26 27.72 5.92 29.82
N GLU B 27 28.02 4.83 30.53
CA GLU B 27 28.53 3.60 29.90
C GLU B 27 27.85 2.39 30.54
N ASP B 28 26.91 2.65 31.43
CA ASP B 28 26.03 1.64 32.00
C ASP B 28 25.00 1.17 30.97
N VAL B 29 24.85 1.97 29.91
CA VAL B 29 23.96 1.64 28.81
C VAL B 29 24.62 0.65 27.84
N VAL B 30 25.95 0.55 27.91
CA VAL B 30 26.70 -0.34 27.04
C VAL B 30 26.60 -1.79 27.52
N ILE B 31 26.35 -2.69 26.57
CA ILE B 31 26.22 -4.10 26.86
C ILE B 31 27.40 -4.86 26.25
N ASP B 32 27.98 -5.75 27.05
CA ASP B 32 29.01 -6.68 26.61
C ASP B 32 28.53 -7.44 25.38
N ARG B 33 29.24 -7.25 24.27
CA ARG B 33 28.91 -7.85 22.98
C ARG B 33 28.69 -9.37 23.02
N ASN B 34 29.45 -10.08 23.85
CA ASN B 34 29.35 -11.54 23.92
C ASN B 34 28.22 -12.04 24.84
N LEU B 35 27.39 -11.11 25.31
CA LEU B 35 26.13 -11.44 25.95
C LEU B 35 25.03 -11.40 24.89
N LEU B 36 25.42 -11.14 23.65
CA LEU B 36 24.47 -10.99 22.56
C LEU B 36 24.79 -11.93 21.42
N ILE B 37 23.77 -12.58 20.90
CA ILE B 37 23.92 -13.46 19.75
C ILE B 37 22.92 -13.04 18.67
N LEU B 38 23.42 -12.80 17.46
CA LEU B 38 22.57 -12.36 16.36
C LEU B 38 22.06 -13.53 15.52
N GLY B 39 20.84 -13.39 15.01
CA GLY B 39 20.24 -14.41 14.15
C GLY B 39 19.88 -13.86 12.79
N LYS B 40 18.65 -14.16 12.34
CA LYS B 40 18.20 -13.75 11.02
C LYS B 40 17.91 -12.26 10.94
N ILE B 41 18.07 -11.71 9.74
CA ILE B 41 17.71 -10.34 9.43
C ILE B 41 16.19 -10.25 9.28
N LEU B 42 15.59 -9.33 10.04
CA LEU B 42 14.15 -9.05 9.98
C LEU B 42 13.83 -8.01 8.90
N GLY B 43 14.76 -7.08 8.71
CA GLY B 43 14.65 -6.06 7.68
C GLY B 43 15.98 -5.38 7.45
N GLU B 44 16.13 -4.78 6.27
CA GLU B 44 17.36 -4.08 5.88
C GLU B 44 17.05 -2.93 4.96
N GLY B 48 21.69 0.52 7.52
CA GLY B 48 20.54 0.17 8.35
C GLY B 48 20.04 -1.26 8.16
N SER B 49 20.14 -2.06 9.22
CA SER B 49 19.74 -3.47 9.20
C SER B 49 19.27 -3.94 10.58
N VAL B 50 18.19 -4.70 10.63
CA VAL B 50 17.58 -5.14 11.91
C VAL B 50 17.46 -6.66 12.01
N MET B 51 17.90 -7.19 13.14
CA MET B 51 18.03 -8.63 13.32
C MET B 51 17.37 -9.10 14.60
N GLU B 52 16.86 -10.33 14.59
CA GLU B 52 16.48 -11.01 15.82
C GLU B 52 17.74 -11.51 16.52
N GLY B 53 17.71 -11.49 17.85
CA GLY B 53 18.83 -11.93 18.65
C GLY B 53 18.41 -12.45 20.00
N ASN B 54 19.41 -12.84 20.79
CA ASN B 54 19.26 -13.29 22.17
C ASN B 54 20.18 -12.45 23.05
N LEU B 55 19.66 -12.03 24.19
CA LEU B 55 20.47 -11.30 25.15
C LEU B 55 20.52 -12.06 26.46
N LYS B 56 21.73 -12.41 26.90
CA LYS B 56 21.91 -13.00 28.22
C LYS B 56 21.79 -11.87 29.25
N GLN B 57 20.82 -11.99 30.16
CA GLN B 57 20.56 -10.95 31.15
C GLN B 57 21.33 -11.18 32.47
N GLU B 58 21.38 -10.15 33.31
CA GLU B 58 22.03 -10.20 34.63
C GLU B 58 21.39 -11.27 35.53
N ASP B 59 20.09 -11.48 35.31
CA ASP B 59 19.28 -12.53 35.91
C ASP B 59 19.82 -13.96 35.71
N GLY B 60 20.62 -14.15 34.66
CA GLY B 60 21.02 -15.48 34.22
C GLY B 60 20.15 -16.00 33.08
N THR B 61 19.00 -15.35 32.86
CA THR B 61 18.06 -15.77 31.83
C THR B 61 18.35 -15.03 30.52
N SER B 62 17.85 -15.61 29.43
CA SER B 62 18.01 -15.04 28.11
C SER B 62 16.69 -14.48 27.60
N LEU B 63 16.77 -13.31 26.96
CA LEU B 63 15.61 -12.64 26.41
C LEU B 63 15.75 -12.51 24.89
N LYS B 64 14.64 -12.62 24.19
CA LYS B 64 14.65 -12.44 22.75
C LYS B 64 14.66 -10.94 22.44
N VAL B 65 15.55 -10.54 21.54
CA VAL B 65 15.72 -9.12 21.23
C VAL B 65 15.66 -8.84 19.73
N ALA B 66 15.25 -7.61 19.40
CA ALA B 66 15.43 -7.05 18.07
C ALA B 66 16.67 -6.16 18.15
N VAL B 67 17.61 -6.37 17.23
CA VAL B 67 18.85 -5.61 17.21
C VAL B 67 18.86 -4.74 15.97
N LYS B 68 19.01 -3.44 16.18
CA LYS B 68 19.03 -2.50 15.09
C LYS B 68 20.44 -1.88 15.00
N THR B 69 21.04 -1.96 13.82
CA THR B 69 22.39 -1.44 13.59
C THR B 69 22.35 -0.03 13.03
N MET B 70 23.22 0.84 13.53
N MET B 70 23.28 0.82 13.47
CA MET B 70 23.21 2.27 13.19
CA MET B 70 23.40 2.19 12.97
C MET B 70 24.62 2.83 13.22
C MET B 70 24.85 2.66 12.95
N GLU B 82 27.15 11.10 19.54
CA GLU B 82 27.60 11.17 20.94
C GLU B 82 27.88 9.77 21.51
N PHE B 83 26.87 8.94 21.76
CA PHE B 83 25.43 9.24 21.64
C PHE B 83 24.67 8.52 22.77
N LEU B 84 25.44 8.11 23.77
CA LEU B 84 24.98 7.21 24.83
C LEU B 84 24.14 7.91 25.90
N SER B 85 24.13 9.25 25.87
CA SER B 85 23.28 10.04 26.76
C SER B 85 21.82 9.91 26.35
N GLU B 86 21.58 9.92 25.04
CA GLU B 86 20.25 9.72 24.48
C GLU B 86 19.77 8.31 24.78
N ALA B 87 20.63 7.32 24.50
CA ALA B 87 20.32 5.92 24.78
C ALA B 87 20.07 5.66 26.26
N ALA B 88 20.87 6.29 27.13
CA ALA B 88 20.69 6.18 28.58
C ALA B 88 19.37 6.81 29.03
N CYS B 89 18.97 7.87 28.34
CA CYS B 89 17.69 8.52 28.59
C CYS B 89 16.55 7.59 28.16
N MET B 90 16.70 7.00 26.98
CA MET B 90 15.74 6.05 26.45
C MET B 90 15.65 4.79 27.31
N LYS B 91 16.79 4.41 27.89
CA LYS B 91 16.82 3.26 28.78
C LYS B 91 16.00 3.52 30.05
N ASP B 92 15.86 4.80 30.39
CA ASP B 92 15.05 5.21 31.55
C ASP B 92 13.56 5.34 31.26
N PHE B 93 13.15 5.20 30.00
CA PHE B 93 11.74 5.33 29.63
C PHE B 93 10.94 4.14 30.12
N SER B 94 10.23 4.33 31.22
CA SER B 94 9.44 3.26 31.81
C SER B 94 7.96 3.55 31.73
N HIS B 95 7.35 3.18 30.61
CA HIS B 95 5.91 3.30 30.41
C HIS B 95 5.45 2.09 29.60
N PRO B 96 4.28 1.52 29.94
CA PRO B 96 3.75 0.36 29.22
C PRO B 96 3.50 0.59 27.72
N ASN B 97 3.24 1.83 27.33
CA ASN B 97 3.02 2.18 25.93
C ASN B 97 4.25 2.78 25.25
N VAL B 98 5.42 2.55 25.83
CA VAL B 98 6.71 2.97 25.24
C VAL B 98 7.69 1.79 25.34
N ILE B 99 8.25 1.38 24.20
CA ILE B 99 9.22 0.29 24.20
C ILE B 99 10.46 0.72 25.01
N ARG B 100 11.02 -0.22 25.77
CA ARG B 100 12.16 0.10 26.60
C ARG B 100 13.45 -0.36 25.94
N LEU B 101 14.38 0.57 25.71
CA LEU B 101 15.70 0.24 25.24
C LEU B 101 16.45 -0.56 26.30
N LEU B 102 17.03 -1.68 25.89
CA LEU B 102 17.73 -2.57 26.79
C LEU B 102 19.19 -2.19 27.04
N GLY B 103 19.83 -1.63 26.02
CA GLY B 103 21.23 -1.24 26.09
C GLY B 103 21.80 -1.10 24.69
N VAL B 104 23.07 -0.72 24.59
CA VAL B 104 23.75 -0.65 23.29
C VAL B 104 25.00 -1.54 23.24
N CYS B 105 25.23 -2.18 22.09
CA CYS B 105 26.50 -2.84 21.81
C CYS B 105 27.25 -2.07 20.74
N ILE B 106 28.58 -2.04 20.86
CA ILE B 106 29.46 -1.39 19.90
C ILE B 106 30.45 -2.41 19.33
N PRO B 114 33.08 0.40 16.13
CA PRO B 114 32.53 1.43 15.26
C PRO B 114 31.00 1.36 15.11
N LYS B 115 30.44 0.15 15.12
CA LYS B 115 29.03 -0.06 14.80
C LYS B 115 28.15 -0.21 16.05
N PRO B 116 27.39 0.85 16.39
CA PRO B 116 26.46 0.70 17.50
C PRO B 116 25.23 -0.12 17.13
N MET B 117 24.80 -0.96 18.07
CA MET B 117 23.63 -1.82 17.91
C MET B 117 22.68 -1.55 19.07
N VAL B 118 21.44 -1.22 18.76
CA VAL B 118 20.46 -0.88 19.78
C VAL B 118 19.58 -2.10 20.10
N ILE B 119 19.47 -2.41 21.39
CA ILE B 119 18.89 -3.69 21.80
C ILE B 119 17.50 -3.46 22.39
N LEU B 120 16.50 -4.06 21.74
CA LEU B 120 15.11 -3.83 22.10
C LEU B 120 14.42 -5.14 22.39
N PRO B 121 13.40 -5.09 23.26
CA PRO B 121 12.64 -6.33 23.49
C PRO B 121 12.08 -6.80 22.14
N PHE B 122 12.10 -8.11 21.91
CA PHE B 122 11.49 -8.63 20.70
C PHE B 122 10.00 -8.87 20.95
N MET B 123 9.17 -8.28 20.10
CA MET B 123 7.70 -8.40 20.20
C MET B 123 7.24 -9.41 19.18
N LYS B 124 6.81 -10.56 19.68
CA LYS B 124 6.51 -11.66 18.79
C LYS B 124 5.29 -11.39 17.92
N TYR B 125 4.41 -10.49 18.39
CA TYR B 125 3.20 -10.15 17.64
C TYR B 125 3.40 -9.11 16.55
N GLY B 126 4.61 -8.54 16.51
CA GLY B 126 5.05 -7.67 15.42
C GLY B 126 4.47 -6.28 15.51
N ASP B 127 4.54 -5.55 14.40
CA ASP B 127 4.06 -4.18 14.33
C ASP B 127 2.53 -4.11 14.09
N LEU B 128 1.95 -2.98 14.48
CA LEU B 128 0.50 -2.75 14.39
C LEU B 128 -0.02 -2.68 12.94
N HIS B 129 0.77 -2.07 12.06
CA HIS B 129 0.39 -1.97 10.65
C HIS B 129 0.10 -3.32 10.00
N THR B 130 1.02 -4.26 10.12
CA THR B 130 0.81 -5.62 9.58
C THR B 130 -0.36 -6.34 10.26
N TYR B 131 -0.58 -6.04 11.55
CA TYR B 131 -1.69 -6.64 12.29
C TYR B 131 -3.05 -6.16 11.76
N LEU B 132 -3.19 -4.84 11.55
CA LEU B 132 -4.41 -4.27 10.96
C LEU B 132 -4.74 -4.89 9.59
N LEU B 133 -3.72 -5.05 8.75
CA LEU B 133 -3.87 -5.71 7.44
C LEU B 133 -4.28 -7.19 7.54
N TYR B 134 -3.63 -7.93 8.41
CA TYR B 134 -3.91 -9.35 8.64
C TYR B 134 -5.35 -9.57 9.10
N SER B 135 -5.87 -8.61 9.84
CA SER B 135 -7.22 -8.65 10.40
C SER B 135 -8.28 -8.63 9.31
N ARG B 136 -7.88 -8.23 8.11
CA ARG B 136 -8.78 -8.21 6.95
C ARG B 136 -8.67 -9.52 6.15
N LEU B 137 -7.90 -10.46 6.66
CA LEU B 137 -7.67 -11.73 5.96
C LEU B 137 -7.97 -12.93 6.88
N GLU B 138 -8.33 -14.06 6.28
CA GLU B 138 -8.55 -15.30 7.06
C GLU B 138 -7.22 -15.84 7.60
N THR B 139 -7.29 -16.66 8.65
CA THR B 139 -6.11 -17.15 9.39
C THR B 139 -5.51 -16.11 10.33
N GLY B 140 -5.52 -14.85 9.90
CA GLY B 140 -5.09 -13.74 10.75
C GLY B 140 -6.15 -13.43 11.81
N PRO B 141 -5.92 -12.37 12.61
CA PRO B 141 -6.89 -11.96 13.61
C PRO B 141 -8.27 -11.73 13.02
N LYS B 142 -9.30 -11.75 13.86
CA LYS B 142 -10.66 -11.51 13.40
C LYS B 142 -10.81 -10.03 13.04
N HIS B 143 -12.04 -9.64 12.68
CA HIS B 143 -12.38 -8.24 12.47
C HIS B 143 -12.22 -7.48 13.78
N ILE B 144 -11.56 -6.34 13.73
CA ILE B 144 -11.28 -5.54 14.92
C ILE B 144 -12.40 -4.55 15.17
N PRO B 145 -13.10 -4.66 16.31
CA PRO B 145 -14.17 -3.71 16.61
C PRO B 145 -13.64 -2.30 16.88
N LEU B 146 -14.48 -1.30 16.65
CA LEU B 146 -14.12 0.09 16.87
C LEU B 146 -13.47 0.32 18.23
N GLN B 147 -14.06 -0.28 19.28
CA GLN B 147 -13.53 -0.20 20.64
C GLN B 147 -12.05 -0.57 20.75
N THR B 148 -11.64 -1.62 20.03
CA THR B 148 -10.27 -2.10 20.05
C THR B 148 -9.35 -1.16 19.25
N LEU B 149 -9.85 -0.67 18.11
CA LEU B 149 -9.12 0.33 17.32
C LEU B 149 -8.88 1.61 18.11
N LEU B 150 -9.91 2.08 18.82
CA LEU B 150 -9.74 3.26 19.68
C LEU B 150 -8.72 3.01 20.78
N LYS B 151 -8.76 1.81 21.37
CA LYS B 151 -7.80 1.43 22.41
C LYS B 151 -6.35 1.51 21.90
N PHE B 152 -6.13 1.03 20.68
CA PHE B 152 -4.84 1.16 20.02
C PHE B 152 -4.37 2.62 19.96
N MET B 153 -5.30 3.50 19.58
CA MET B 153 -5.02 4.94 19.49
C MET B 153 -4.70 5.50 20.87
N VAL B 154 -5.49 5.11 21.88
CA VAL B 154 -5.27 5.53 23.27
C VAL B 154 -3.89 5.11 23.77
N ASP B 155 -3.54 3.84 23.55
CA ASP B 155 -2.21 3.28 23.85
C ASP B 155 -1.09 4.15 23.29
N ILE B 156 -1.22 4.55 22.02
CA ILE B 156 -0.22 5.35 21.31
C ILE B 156 -0.22 6.79 21.85
N ALA B 157 -1.41 7.38 21.98
CA ALA B 157 -1.53 8.69 22.62
C ALA B 157 -0.80 8.70 23.99
N LEU B 158 -1.10 7.71 24.83
CA LEU B 158 -0.47 7.60 26.14
C LEU B 158 1.05 7.52 26.06
N GLY B 159 1.55 6.68 25.15
CA GLY B 159 2.99 6.58 24.91
C GLY B 159 3.62 7.89 24.43
N MET B 160 2.93 8.57 23.52
CA MET B 160 3.40 9.86 23.02
C MET B 160 3.33 10.99 24.08
N GLU B 161 2.29 10.97 24.93
CA GLU B 161 2.19 11.91 26.05
C GLU B 161 3.35 11.73 27.02
N TYR B 162 3.69 10.48 27.32
CA TYR B 162 4.84 10.17 28.15
C TYR B 162 6.12 10.79 27.58
N LEU B 163 6.36 10.60 26.28
CA LEU B 163 7.59 11.13 25.64
C LEU B 163 7.58 12.64 25.59
N SER B 164 6.40 13.20 25.36
CA SER B 164 6.24 14.63 25.20
C SER B 164 6.56 15.32 26.51
N ASN B 165 6.04 14.77 27.62
CA ASN B 165 6.33 15.27 28.98
C ASN B 165 7.81 15.30 29.34
N ARG B 166 8.61 14.57 28.56
CA ARG B 166 10.05 14.51 28.74
C ARG B 166 10.78 15.18 27.59
N ASN B 167 10.02 15.93 26.78
CA ASN B 167 10.58 16.74 25.70
C ASN B 167 11.45 15.92 24.75
N PHE B 168 11.11 14.63 24.63
CA PHE B 168 11.78 13.73 23.72
C PHE B 168 10.95 13.59 22.45
N LEU B 169 11.53 14.02 21.33
CA LEU B 169 10.89 13.94 20.03
C LEU B 169 10.98 12.53 19.47
N HIS B 170 9.89 12.07 18.83
CA HIS B 170 9.83 10.76 18.18
C HIS B 170 10.44 10.78 16.78
N ARG B 171 9.89 11.62 15.90
CA ARG B 171 10.43 11.90 14.55
C ARG B 171 10.18 10.79 13.51
N ASP B 172 9.49 9.73 13.90
CA ASP B 172 9.23 8.60 13.00
C ASP B 172 7.98 7.80 13.40
N LEU B 173 6.94 8.50 13.83
CA LEU B 173 5.71 7.83 14.26
C LEU B 173 4.91 7.39 13.04
N ALA B 174 4.50 6.12 13.07
CA ALA B 174 3.64 5.51 12.07
C ALA B 174 3.20 4.18 12.67
N ALA B 175 2.14 3.60 12.13
CA ALA B 175 1.58 2.36 12.68
C ALA B 175 2.57 1.20 12.56
N ARG B 176 3.48 1.29 11.59
CA ARG B 176 4.52 0.26 11.40
C ARG B 176 5.57 0.36 12.51
N ASN B 177 5.60 1.51 13.17
CA ASN B 177 6.55 1.76 14.26
C ASN B 177 5.92 1.62 15.63
N CYS B 178 4.68 1.14 15.65
CA CYS B 178 3.96 0.82 16.87
C CYS B 178 3.95 -0.69 17.04
N MET B 179 4.42 -1.14 18.19
CA MET B 179 4.60 -2.57 18.41
C MET B 179 3.53 -3.16 19.32
N LEU B 180 3.18 -4.41 19.05
CA LEU B 180 2.17 -5.10 19.85
C LEU B 180 2.82 -5.95 20.95
N ARG B 181 2.48 -5.64 22.20
CA ARG B 181 3.01 -6.41 23.33
C ARG B 181 2.35 -7.78 23.37
N ASP B 182 2.93 -8.71 24.14
CA ASP B 182 2.36 -10.04 24.32
C ASP B 182 0.94 -9.99 24.85
N ASP B 183 0.60 -8.93 25.59
CA ASP B 183 -0.77 -8.74 26.09
C ASP B 183 -1.67 -7.95 25.12
N MET B 184 -1.11 -7.59 23.96
CA MET B 184 -1.83 -6.86 22.91
C MET B 184 -2.08 -5.38 23.22
N THR B 185 -1.37 -4.86 24.21
CA THR B 185 -1.24 -3.42 24.41
C THR B 185 -0.21 -2.88 23.42
N VAL B 186 -0.50 -1.70 22.86
CA VAL B 186 0.40 -1.12 21.87
C VAL B 186 1.48 -0.27 22.54
N CYS B 187 2.70 -0.37 22.01
CA CYS B 187 3.78 0.51 22.46
C CYS B 187 4.45 1.20 21.29
N VAL B 188 4.73 2.48 21.51
CA VAL B 188 5.48 3.30 20.57
C VAL B 188 6.94 2.82 20.49
N ALA B 189 7.47 2.76 19.28
CA ALA B 189 8.86 2.32 19.08
C ALA B 189 9.57 3.14 18.00
N ASP B 190 10.86 2.86 17.79
CA ASP B 190 11.65 3.47 16.72
C ASP B 190 11.82 4.98 16.86
N PHE B 191 11.73 5.47 18.10
CA PHE B 191 12.01 6.85 18.41
C PHE B 191 13.48 6.95 18.79
N GLY B 192 14.08 8.13 18.59
CA GLY B 192 15.44 8.37 19.07
C GLY B 192 16.53 7.98 18.09
N LEU B 193 16.13 7.43 16.94
CA LEU B 193 17.05 7.15 15.82
C LEU B 193 18.40 6.59 16.26
N PRO B 212 9.79 9.13 5.18
CA PRO B 212 8.38 8.75 5.17
C PRO B 212 7.48 9.96 4.88
N VAL B 213 7.61 10.48 3.66
CA VAL B 213 6.99 11.75 3.28
C VAL B 213 5.54 11.93 3.76
N LYS B 214 4.70 10.91 3.59
CA LYS B 214 3.26 11.00 3.89
C LYS B 214 2.87 11.09 5.37
N TRP B 215 3.86 11.01 6.25
CA TRP B 215 3.65 11.21 7.68
C TRP B 215 4.21 12.56 8.17
N ILE B 216 4.97 13.23 7.31
CA ILE B 216 5.68 14.45 7.68
C ILE B 216 4.79 15.71 7.58
N ALA B 217 4.70 16.48 8.67
CA ALA B 217 3.90 17.73 8.74
C ALA B 217 4.35 18.79 7.72
N ILE B 218 3.41 19.64 7.29
CA ILE B 218 3.67 20.65 6.24
C ILE B 218 4.88 21.50 6.54
N GLU B 219 4.96 22.00 7.77
CA GLU B 219 6.05 22.90 8.17
C GLU B 219 7.40 22.17 8.14
N SER B 220 7.37 20.88 8.47
CA SER B 220 8.56 20.03 8.40
C SER B 220 8.94 19.71 6.96
N LEU B 221 7.94 19.56 6.09
CA LEU B 221 8.16 19.36 4.66
C LEU B 221 8.88 20.54 3.97
N ALA B 222 8.64 21.75 4.48
CA ALA B 222 9.21 22.97 3.89
C ALA B 222 10.56 23.38 4.49
N ASP B 223 10.74 23.18 5.80
CA ASP B 223 11.90 23.72 6.51
C ASP B 223 12.71 22.69 7.31
N ARG B 224 12.28 21.43 7.27
CA ARG B 224 12.94 20.35 8.05
C ARG B 224 12.87 20.56 9.57
N VAL B 225 12.22 21.66 9.98
CA VAL B 225 12.00 21.99 11.40
C VAL B 225 11.06 20.96 12.04
N TYR B 226 11.46 20.47 13.21
CA TYR B 226 10.66 19.44 13.88
C TYR B 226 10.39 19.76 15.35
N THR B 227 9.12 19.78 15.72
CA THR B 227 8.69 19.96 17.12
C THR B 227 7.74 18.82 17.54
N SER B 228 7.15 18.94 18.74
CA SER B 228 6.18 17.97 19.25
C SER B 228 4.91 18.01 18.41
N LYS B 229 4.63 19.18 17.86
CA LYS B 229 3.48 19.40 17.01
C LYS B 229 3.64 18.69 15.66
N SER B 230 4.89 18.46 15.26
CA SER B 230 5.15 17.63 14.08
C SER B 230 4.82 16.17 14.39
N ASP B 231 5.16 15.72 15.59
CA ASP B 231 4.80 14.38 16.05
C ASP B 231 3.27 14.26 16.17
N VAL B 232 2.60 15.32 16.63
CA VAL B 232 1.15 15.33 16.71
C VAL B 232 0.54 15.07 15.32
N TRP B 233 1.10 15.72 14.31
CA TRP B 233 0.67 15.52 12.92
C TRP B 233 0.76 14.02 12.54
N ALA B 234 1.94 13.43 12.73
CA ALA B 234 2.20 12.01 12.45
C ALA B 234 1.25 11.07 13.20
N PHE B 235 0.86 11.46 14.41
CA PHE B 235 -0.10 10.71 15.20
C PHE B 235 -1.45 10.63 14.52
N GLY B 236 -1.89 11.75 13.93
CA GLY B 236 -3.19 11.82 13.26
C GLY B 236 -3.20 10.95 12.02
N VAL B 237 -2.07 10.91 11.33
CA VAL B 237 -1.89 10.02 10.19
C VAL B 237 -1.98 8.57 10.68
N THR B 238 -1.31 8.28 11.79
CA THR B 238 -1.32 6.95 12.39
C THR B 238 -2.74 6.55 12.84
N MET B 239 -3.48 7.47 13.47
CA MET B 239 -4.90 7.27 13.78
C MET B 239 -5.68 6.83 12.53
N TRP B 240 -5.37 7.48 11.41
CA TRP B 240 -6.04 7.28 10.14
C TRP B 240 -5.68 5.90 9.59
N GLU B 241 -4.38 5.56 9.60
CA GLU B 241 -3.92 4.19 9.30
C GLU B 241 -4.73 3.15 10.07
N ILE B 242 -4.99 3.44 11.35
CA ILE B 242 -5.70 2.52 12.20
C ILE B 242 -7.17 2.43 11.81
N ALA B 243 -7.83 3.58 11.65
CA ALA B 243 -9.25 3.63 11.30
C ALA B 243 -9.54 2.93 9.97
N THR B 244 -8.61 3.04 9.03
CA THR B 244 -8.74 2.44 7.70
C THR B 244 -8.17 1.02 7.66
N ARG B 245 -7.71 0.53 8.82
CA ARG B 245 -7.11 -0.78 8.94
C ARG B 245 -5.92 -1.01 7.98
N GLY B 246 -5.04 -0.02 7.88
CA GLY B 246 -3.78 -0.17 7.17
C GLY B 246 -3.64 0.39 5.77
N MET B 247 -4.56 1.26 5.34
CA MET B 247 -4.41 1.89 4.03
C MET B 247 -3.19 2.82 4.02
N THR B 248 -2.46 2.80 2.92
CA THR B 248 -1.45 3.82 2.66
C THR B 248 -2.14 5.20 2.60
N PRO B 249 -1.64 6.19 3.37
CA PRO B 249 -2.28 7.51 3.39
C PRO B 249 -2.38 8.14 1.99
N TYR B 250 -3.36 9.02 1.81
CA TYR B 250 -3.55 9.76 0.55
C TYR B 250 -3.51 8.87 -0.69
N PRO B 251 -4.52 8.02 -0.87
CA PRO B 251 -4.59 7.27 -2.12
C PRO B 251 -4.76 8.24 -3.30
N GLY B 252 -4.15 7.92 -4.43
CA GLY B 252 -4.20 8.82 -5.59
C GLY B 252 -3.17 9.96 -5.57
N VAL B 253 -2.53 10.16 -4.43
CA VAL B 253 -1.51 11.21 -4.30
C VAL B 253 -0.10 10.60 -4.24
N GLN B 254 0.78 11.06 -5.12
CA GLN B 254 2.15 10.59 -5.13
C GLN B 254 2.96 11.33 -4.10
N ASN B 255 4.07 10.72 -3.65
CA ASN B 255 4.92 11.31 -2.61
C ASN B 255 5.42 12.71 -2.96
N HIS B 256 5.76 12.93 -4.23
CA HIS B 256 6.30 14.21 -4.66
C HIS B 256 5.23 15.28 -4.82
N GLU B 257 3.96 14.88 -4.76
CA GLU B 257 2.85 15.82 -4.84
C GLU B 257 2.40 16.32 -3.46
N MET B 258 2.91 15.67 -2.42
CA MET B 258 2.42 15.88 -1.05
C MET B 258 2.49 17.32 -0.53
N TYR B 259 3.58 18.02 -0.82
CA TYR B 259 3.74 19.40 -0.31
C TYR B 259 2.70 20.37 -0.89
N ASP B 260 2.51 20.35 -2.21
CA ASP B 260 1.50 21.22 -2.84
C ASP B 260 0.07 20.76 -2.55
N TYR B 261 -0.12 19.46 -2.40
CA TYR B 261 -1.41 18.90 -2.01
C TYR B 261 -1.84 19.44 -0.64
N LEU B 262 -0.90 19.47 0.30
CA LEU B 262 -1.14 19.97 1.65
C LEU B 262 -1.18 21.49 1.70
N LEU B 263 -0.43 22.13 0.79
CA LEU B 263 -0.37 23.58 0.72
C LEU B 263 -1.69 24.17 0.23
N HIS B 264 -2.37 23.43 -0.64
CA HIS B 264 -3.70 23.82 -1.11
C HIS B 264 -4.82 23.54 -0.10
N GLY B 265 -4.46 23.00 1.06
CA GLY B 265 -5.40 22.81 2.15
C GLY B 265 -6.03 21.43 2.28
N HIS B 266 -5.71 20.54 1.35
CA HIS B 266 -6.25 19.19 1.35
C HIS B 266 -5.65 18.34 2.46
N ARG B 267 -6.48 17.45 3.02
CA ARG B 267 -6.10 16.57 4.11
C ARG B 267 -6.65 15.15 3.86
N LEU B 268 -6.22 14.20 4.68
CA LEU B 268 -6.73 12.83 4.65
C LEU B 268 -8.25 12.84 4.79
N LYS B 269 -8.90 12.09 3.91
CA LYS B 269 -10.36 12.04 3.90
C LYS B 269 -10.86 11.16 5.03
N GLN B 270 -12.05 11.49 5.54
CA GLN B 270 -12.69 10.68 6.56
C GLN B 270 -12.91 9.26 6.05
N PRO B 271 -12.43 8.25 6.79
CA PRO B 271 -12.74 6.85 6.43
C PRO B 271 -14.25 6.57 6.44
N GLU B 272 -14.66 5.52 5.72
CA GLU B 272 -16.08 5.23 5.44
C GLU B 272 -17.00 5.31 6.65
N ASP B 273 -17.03 4.26 7.48
CA ASP B 273 -17.93 4.21 8.63
C ASP B 273 -17.27 4.76 9.90
N CYS B 274 -16.45 5.80 9.73
CA CYS B 274 -15.73 6.40 10.84
C CYS B 274 -16.53 7.52 11.52
N LEU B 275 -16.65 7.43 12.84
CA LEU B 275 -17.27 8.46 13.66
C LEU B 275 -16.76 9.84 13.32
N ASP B 276 -17.68 10.77 13.12
CA ASP B 276 -17.37 12.20 13.00
C ASP B 276 -16.47 12.66 14.14
N GLU B 277 -16.80 12.19 15.34
CA GLU B 277 -16.10 12.54 16.57
C GLU B 277 -14.62 12.14 16.49
N LEU B 278 -14.35 10.96 15.94
CA LEU B 278 -12.99 10.48 15.75
C LEU B 278 -12.26 11.22 14.62
N TYR B 279 -12.97 11.56 13.55
CA TYR B 279 -12.35 12.31 12.45
C TYR B 279 -11.95 13.73 12.85
N GLU B 280 -12.78 14.38 13.66
CA GLU B 280 -12.48 15.68 14.24
C GLU B 280 -11.17 15.67 15.02
N ILE B 281 -10.92 14.58 15.74
CA ILE B 281 -9.69 14.42 16.51
C ILE B 281 -8.49 14.33 15.56
N MET B 282 -8.58 13.44 14.56
CA MET B 282 -7.58 13.26 13.53
C MET B 282 -7.25 14.57 12.84
N TYR B 283 -8.32 15.24 12.40
CA TYR B 283 -8.23 16.49 11.63
C TYR B 283 -7.48 17.57 12.39
N SER B 284 -7.81 17.72 13.67
CA SER B 284 -7.19 18.74 14.52
C SER B 284 -5.67 18.59 14.54
N CYS B 285 -5.19 17.38 14.27
CA CYS B 285 -3.76 17.09 14.23
C CYS B 285 -3.06 17.69 13.01
N TRP B 286 -3.82 18.00 11.96
CA TRP B 286 -3.23 18.48 10.71
C TRP B 286 -3.49 19.95 10.43
N ARG B 287 -3.91 20.69 11.44
CA ARG B 287 -4.05 22.15 11.35
C ARG B 287 -2.74 22.75 10.86
N THR B 288 -2.85 23.74 9.98
CA THR B 288 -1.70 24.30 9.25
C THR B 288 -0.67 24.92 10.18
N ASP B 289 -1.12 25.81 11.05
CA ASP B 289 -0.29 26.35 12.13
C ASP B 289 -0.11 25.28 13.22
N PRO B 290 1.15 24.86 13.46
CA PRO B 290 1.47 23.88 14.52
C PRO B 290 0.86 24.25 15.87
N LEU B 291 0.80 25.55 16.16
CA LEU B 291 0.28 26.04 17.44
C LEU B 291 -1.21 25.74 17.66
N ASP B 292 -1.91 25.45 16.57
CA ASP B 292 -3.35 25.16 16.63
C ASP B 292 -3.61 23.69 16.96
N ARG B 293 -2.61 22.86 16.69
CA ARG B 293 -2.67 21.44 17.04
C ARG B 293 -2.64 21.23 18.54
N PRO B 294 -3.47 20.29 19.02
CA PRO B 294 -3.47 19.96 20.44
C PRO B 294 -2.22 19.20 20.84
N THR B 295 -1.90 19.29 22.12
CA THR B 295 -0.89 18.45 22.74
C THR B 295 -1.38 17.00 22.83
N PHE B 296 -0.45 16.08 23.01
CA PHE B 296 -0.80 14.68 23.24
C PHE B 296 -1.68 14.46 24.45
N SER B 297 -1.52 15.27 25.50
CA SER B 297 -2.32 15.14 26.71
C SER B 297 -3.80 15.49 26.48
N VAL B 298 -4.05 16.40 25.56
CA VAL B 298 -5.41 16.76 25.13
C VAL B 298 -6.00 15.65 24.26
N LEU B 299 -5.24 15.26 23.24
CA LEU B 299 -5.61 14.16 22.35
C LEU B 299 -5.94 12.90 23.12
N ARG B 300 -5.14 12.59 24.13
CA ARG B 300 -5.23 11.33 24.83
C ARG B 300 -6.55 11.25 25.62
N LEU B 301 -6.91 12.37 26.27
CA LEU B 301 -8.16 12.46 27.02
C LEU B 301 -9.36 12.42 26.08
N GLN B 302 -9.27 13.14 24.95
CA GLN B 302 -10.35 13.12 23.95
C GLN B 302 -10.61 11.69 23.48
N LEU B 303 -9.54 10.96 23.17
CA LEU B 303 -9.68 9.55 22.77
C LEU B 303 -10.16 8.61 23.89
N GLU B 304 -9.64 8.78 25.11
CA GLU B 304 -10.10 8.00 26.26
C GLU B 304 -11.60 8.20 26.46
N LYS B 305 -12.02 9.45 26.43
CA LYS B 305 -13.40 9.81 26.64
C LYS B 305 -14.31 9.35 25.51
N LEU B 306 -13.81 9.40 24.26
CA LEU B 306 -14.56 8.83 23.15
C LEU B 306 -14.77 7.32 23.34
N LEU B 307 -13.69 6.62 23.70
CA LEU B 307 -13.77 5.18 23.96
C LEU B 307 -14.78 4.83 25.05
N GLU B 308 -14.75 5.55 26.17
CA GLU B 308 -15.64 5.30 27.30
C GLU B 308 -17.11 5.53 26.98
N SER B 309 -17.38 6.39 25.98
CA SER B 309 -18.74 6.68 25.53
C SER B 309 -19.42 5.49 24.87
N LEU B 310 -18.61 4.68 24.18
CA LEU B 310 -19.11 3.55 23.40
C LEU B 310 -19.56 2.39 24.27
MG MG C . -0.49 1.75 -15.76
PG ANP D . 2.03 0.69 -14.95
O1G ANP D . 2.21 -0.43 -13.94
O2G ANP D . 1.55 0.25 -16.32
O3G ANP D . 3.18 1.67 -14.96
PB ANP D . 0.76 2.91 -13.22
O1B ANP D . -0.58 3.14 -12.59
O2B ANP D . 1.92 2.59 -12.30
N3B ANP D . 0.63 1.58 -14.35
PA ANP D . 1.03 4.54 -15.57
O1A ANP D . 0.24 3.49 -16.30
O2A ANP D . 2.43 4.86 -16.03
O3A ANP D . 1.13 4.28 -13.98
O5' ANP D . 0.14 5.89 -15.66
C5' ANP D . 0.29 7.00 -14.76
C4' ANP D . -1.06 7.58 -14.37
O4' ANP D . -1.84 7.89 -15.54
C3' ANP D . -1.88 6.57 -13.60
O3' ANP D . -2.60 7.27 -12.58
C2' ANP D . -2.85 6.02 -14.61
O2' ANP D . -4.07 5.48 -14.04
C1' ANP D . -3.12 7.22 -15.49
N9 ANP D . -3.59 6.75 -16.81
C8 ANP D . -3.00 5.83 -17.60
N7 ANP D . -3.71 5.62 -18.73
C5 ANP D . -4.80 6.42 -18.67
C6 ANP D . -5.99 6.69 -19.52
N6 ANP D . -6.17 6.07 -20.71
N1 ANP D . -6.88 7.60 -19.07
C2 ANP D . -6.74 8.24 -17.89
N3 ANP D . -5.71 8.03 -17.06
C4 ANP D . -4.72 7.15 -17.40
C1 BME E . -15.47 -8.50 -0.10
C2 BME E . -16.25 -9.72 -0.53
O1 BME E . -16.19 -7.85 0.93
S2 BME E . -15.33 -10.72 -1.73
MG MG F . 10.42 0.60 12.04
MG MG G . 0.69 15.10 30.74
PG ANP H . 8.12 -2.32 7.57
O1G ANP H . 8.46 -3.76 7.88
O2G ANP H . 6.62 -2.11 7.33
O3G ANP H . 9.00 -1.67 6.53
PB ANP H . 10.04 -0.72 9.16
O1B ANP H . 10.99 -1.56 8.35
O2B ANP H . 9.91 0.74 8.85
N3B ANP H . 8.48 -1.47 9.05
PA ANP H . 12.16 -1.37 10.93
O1A ANP H . 12.36 -0.66 12.24
O2A ANP H . 13.08 -1.18 9.76
O3A ANP H . 10.63 -0.87 10.63
O5' ANP H . 12.09 -2.95 11.21
C5' ANP H . 12.26 -3.96 10.21
C4' ANP H . 11.39 -5.15 10.55
O4' ANP H . 11.68 -5.61 11.87
C3' ANP H . 9.92 -4.75 10.55
O3' ANP H . 9.11 -5.82 10.04
C2' ANP H . 9.59 -4.54 12.01
O2' ANP H . 8.21 -4.82 12.24
C1' ANP H . 10.52 -5.52 12.71
N9 ANP H . 10.84 -5.08 14.09
C8 ANP H . 11.45 -3.94 14.46
N7 ANP H . 11.58 -3.86 15.82
C5 ANP H . 11.05 -4.98 16.33
C6 ANP H . 10.86 -5.56 17.68
N6 ANP H . 11.26 -4.89 18.80
N1 ANP H . 10.25 -6.77 17.77
C2 ANP H . 9.83 -7.45 16.68
N3 ANP H . 9.97 -6.99 15.42
C4 ANP H . 10.56 -5.79 15.19
#